data_6OD9
#
_entry.id   6OD9
#
_cell.length_a   92.740
_cell.length_b   92.740
_cell.length_c   120.480
_cell.angle_alpha   90.000
_cell.angle_beta   90.000
_cell.angle_gamma   120.000
#
_symmetry.space_group_name_H-M   'P 32 2 1'
#
loop_
_entity.id
_entity.type
_entity.pdbx_description
1 polymer 'RNA (75-MER)'
2 non-polymer 'MAGNESIUM ION'
3 non-polymer 'AMINOIMIDAZOLE 4-CARBOXAMIDE RIBONUCLEOTIDE'
4 non-polymer 'POTASSIUM ION'
5 non-polymer 'CESIUM ION'
6 water water
#
_entity_poly.entity_id   1
_entity_poly.type   'polyribonucleotide'
_entity_poly.pdbx_seq_one_letter_code
;UAUCAGUUAUAUGACUGACGGAACGUGGAAUUAACCACAUGAAGUAUAACGAUGACAAUGCCGACCGUCUGGGCG
;
_entity_poly.pdbx_strand_id   A,B
#
loop_
_chem_comp.id
_chem_comp.type
_chem_comp.name
_chem_comp.formula
A RNA linking ADENOSINE-5'-MONOPHOSPHATE 'C10 H14 N5 O7 P'
AMZ non-polymer 'AMINOIMIDAZOLE 4-CARBOXAMIDE RIBONUCLEOTIDE' 'C9 H15 N4 O8 P'
C RNA linking CYTIDINE-5'-MONOPHOSPHATE 'C9 H14 N3 O8 P'
CS non-polymer 'CESIUM ION' 'Cs 1'
G RNA linking GUANOSINE-5'-MONOPHOSPHATE 'C10 H14 N5 O8 P'
K non-polymer 'POTASSIUM ION' 'K 1'
MG non-polymer 'MAGNESIUM ION' 'Mg 2'
U RNA linking URIDINE-5'-MONOPHOSPHATE 'C9 H13 N2 O9 P'
#
# COMPACT_ATOMS: atom_id res chain seq x y z
MG MG C . 15.20 4.17 15.74
O5 AMZ D . 15.61 3.80 13.40
C6 AMZ D . 15.46 4.52 12.43
N2 AMZ D . 15.06 5.86 12.61
C3A AMZ D . 15.71 3.97 11.02
C7A AMZ D . 15.33 2.74 10.56
N3 AMZ D . 14.64 1.73 11.31
N1 AMZ D . 16.34 4.61 10.02
C5 AMZ D . 16.36 3.79 8.93
N AMZ D . 15.74 2.63 9.27
C1 AMZ D . 15.56 1.60 8.49
C2 AMZ D . 14.81 2.00 7.23
C3 AMZ D . 15.34 1.24 6.27
O2 AMZ D . 14.64 -0.02 6.22
O1 AMZ D . 13.37 1.72 7.38
O AMZ D . 16.95 1.06 7.99
C AMZ D . 16.89 0.97 6.70
C4 AMZ D . 17.81 2.03 6.07
O3 AMZ D . 17.12 2.69 4.96
P AMZ D . 17.94 2.91 3.58
OP1 AMZ D . 17.78 1.70 2.71
O4 AMZ D . 19.41 3.14 3.89
OP2 AMZ D . 17.37 4.13 2.86
K K E . 2.67 9.05 1.96
K K F . 12.32 21.91 21.72
CS CS G . 4.54 3.17 9.24
MG MG H . -15.14 -10.00 -12.20
O5 AMZ I . -16.13 -8.24 -12.00
C6 AMZ I . -15.54 -7.22 -12.28
N2 AMZ I . -14.73 -7.16 -13.42
C3A AMZ I . -15.68 -5.98 -11.37
C7A AMZ I . -15.60 -5.96 -10.01
N3 AMZ I . -15.36 -7.10 -9.17
N1 AMZ I . -15.93 -4.72 -11.78
C5 AMZ I . -15.99 -3.92 -10.68
N AMZ I . -15.78 -4.69 -9.59
C1 AMZ I . -15.78 -4.28 -8.35
C2 AMZ I . -14.74 -3.19 -8.15
C3 AMZ I . -15.25 -2.43 -7.19
O2 AMZ I . -14.97 -3.02 -5.90
O1 AMZ I . -13.44 -3.78 -7.73
O AMZ I . -17.15 -3.59 -7.97
C AMZ I . -16.85 -2.43 -7.46
C4 AMZ I . -17.23 -1.30 -8.42
O3 AMZ I . -16.24 -0.23 -8.33
P AMZ I . -16.75 1.30 -8.20
OP1 AMZ I . -17.20 1.58 -6.77
O4 AMZ I . -15.62 2.23 -8.55
OP2 AMZ I . -17.91 1.53 -9.15
K K J . -11.50 2.04 -7.88
K K K . 2.01 0.06 -10.38
K K L . -10.61 -9.13 17.42
CS CS M . -4.87 -7.46 -7.04
#